data_4ZVS
#
_entry.id   4ZVS
#
_cell.length_a   88.105
_cell.length_b   88.105
_cell.length_c   187.190
_cell.angle_alpha   90.000
_cell.angle_beta   90.000
_cell.angle_gamma   120.000
#
_symmetry.space_group_name_H-M   'P 32 2 1'
#
loop_
_entity.id
_entity.type
_entity.pdbx_description
1 polymer Caspase-7
2 polymer Caspase-7
3 polymer 'DEVD inhibitor'
4 water water
#
loop_
_entity_poly.entity_id
_entity_poly.type
_entity_poly.pdbx_seq_one_letter_code
_entity_poly.pdbx_strand_id
1 'polypeptide(L)'
;MADDQGCIEEQGVEDSANEDSVDAKPDRSSFVPSLFSKKKKNVTMRSIKTTRDRVPTYQYNMNFEKLGKCIIINNKNFDK
VTGMGVRNGTDKDAEALFKCFRSLGFDVIVYNDCSCAKMQDLLKKASEEDHTNAACFACILLSHGEENVIYGKDGVTPIK
DLTAHFRGDRCKTLLEKPKLFFIQACRGTELDDGIQAD
;
A,C
2 'polypeptide(L)'
;SGPINDTDANPRYKIPVEADFLFAYSTVPGYASMRNPGRGSWFVQALCSILEEHGKDLEIMQILTRVNDRVARHFESQSD
DPHFHEKKQIPCVVSMLTKELYFSQLEHHHHHH
;
B,D
3 'polypeptide(L)' (ACE)DEV(ASJ) E,F
#
loop_
_chem_comp.id
_chem_comp.type
_chem_comp.name
_chem_comp.formula
ACE non-polymer 'ACETYL GROUP' 'C2 H4 O'
ASJ peptide-like '(3S)-3-amino-4-hydroxybutanoic acid' 'C4 H9 N O3'
#
# COMPACT_ATOMS: atom_id res chain seq x y z
N TYR A 58 -17.64 -1.89 11.81
CA TYR A 58 -16.51 -2.37 11.01
C TYR A 58 -16.55 -1.78 9.60
N GLN A 59 -17.63 -1.07 9.30
CA GLN A 59 -17.76 -0.40 8.01
C GLN A 59 -17.82 1.11 8.19
N TYR A 60 -17.35 1.85 7.18
CA TYR A 60 -17.49 3.30 7.18
C TYR A 60 -18.96 3.68 7.12
N ASN A 61 -19.37 4.67 7.91
CA ASN A 61 -20.74 5.16 7.87
C ASN A 61 -21.04 5.81 6.53
N MET A 62 -21.99 5.24 5.79
CA MET A 62 -22.33 5.73 4.46
C MET A 62 -23.68 6.42 4.41
N ASN A 63 -24.28 6.66 5.57
CA ASN A 63 -25.59 7.30 5.61
C ASN A 63 -25.45 8.81 5.62
N PHE A 64 -25.16 9.38 4.45
CA PHE A 64 -25.04 10.82 4.29
C PHE A 64 -25.85 11.26 3.08
N GLU A 65 -26.12 12.56 2.99
CA GLU A 65 -26.85 13.12 1.86
C GLU A 65 -26.11 12.89 0.54
N LYS A 66 -24.80 13.08 0.57
CA LYS A 66 -23.99 12.85 -0.63
C LYS A 66 -22.91 11.81 -0.38
N LEU A 67 -22.54 11.08 -1.43
CA LEU A 67 -21.43 10.14 -1.37
C LEU A 67 -20.15 10.95 -1.19
N GLY A 68 -19.99 11.95 -2.05
CA GLY A 68 -18.90 12.90 -1.92
C GLY A 68 -18.47 13.48 -3.25
N LYS A 69 -17.46 14.35 -3.21
CA LYS A 69 -16.95 14.98 -4.42
C LYS A 69 -15.88 14.11 -5.08
N CYS A 70 -15.90 14.05 -6.40
CA CYS A 70 -14.86 13.35 -7.15
C CYS A 70 -14.18 14.27 -8.15
N ILE A 71 -12.91 14.58 -7.89
CA ILE A 71 -12.13 15.42 -8.79
C ILE A 71 -11.30 14.58 -9.75
N ILE A 72 -11.54 14.75 -11.05
CA ILE A 72 -10.74 14.09 -12.06
C ILE A 72 -9.85 15.08 -12.78
N ILE A 73 -8.54 14.92 -12.65
CA ILE A 73 -7.58 15.74 -13.38
C ILE A 73 -7.06 14.98 -14.60
N ASN A 74 -7.46 15.44 -15.78
CA ASN A 74 -7.11 14.75 -17.02
C ASN A 74 -6.09 15.51 -17.85
N ASN A 75 -4.82 15.22 -17.62
CA ASN A 75 -3.73 15.89 -18.31
C ASN A 75 -3.31 15.12 -19.57
N LYS A 76 -3.56 15.73 -20.73
CA LYS A 76 -3.31 15.08 -22.01
C LYS A 76 -2.13 15.68 -22.77
N ASN A 77 -2.10 17.01 -22.86
CA ASN A 77 -1.09 17.73 -23.60
C ASN A 77 -0.13 18.43 -22.66
N PHE A 78 1.14 18.54 -23.05
CA PHE A 78 2.11 19.12 -22.12
C PHE A 78 3.02 20.18 -22.72
N ASP A 79 3.33 21.18 -21.90
CA ASP A 79 4.27 22.23 -22.28
C ASP A 79 5.59 21.64 -22.75
N LYS A 80 6.00 22.08 -23.93
CA LYS A 80 7.16 21.58 -24.66
C LYS A 80 8.41 21.57 -23.75
N VAL A 81 8.53 22.56 -22.87
CA VAL A 81 9.68 22.66 -21.96
C VAL A 81 9.82 21.44 -21.03
N THR A 82 8.71 20.75 -20.78
CA THR A 82 8.73 19.55 -19.95
C THR A 82 9.27 18.36 -20.72
N GLY A 83 9.21 18.42 -22.05
CA GLY A 83 9.69 17.33 -22.88
C GLY A 83 8.77 16.12 -22.90
N MET A 84 7.59 16.25 -22.33
CA MET A 84 6.66 15.13 -22.25
C MET A 84 5.66 15.18 -23.41
N GLY A 85 5.38 14.02 -24.00
CA GLY A 85 4.48 13.94 -25.13
C GLY A 85 3.02 13.82 -24.77
N VAL A 86 2.17 13.80 -25.80
CA VAL A 86 0.73 13.68 -25.63
C VAL A 86 0.33 12.31 -25.07
N ARG A 87 -0.67 12.31 -24.20
CA ARG A 87 -1.17 11.07 -23.60
C ARG A 87 -2.46 10.61 -24.27
N ASN A 88 -2.36 10.19 -25.52
CA ASN A 88 -3.53 9.72 -26.27
C ASN A 88 -4.20 8.53 -25.59
N GLY A 89 -5.52 8.58 -25.48
CA GLY A 89 -6.28 7.54 -24.82
C GLY A 89 -6.79 7.96 -23.46
N THR A 90 -6.22 9.02 -22.92
CA THR A 90 -6.59 9.50 -21.59
C THR A 90 -8.00 10.09 -21.57
N ASP A 91 -8.47 10.57 -22.72
CA ASP A 91 -9.81 11.10 -22.83
C ASP A 91 -10.84 9.99 -22.67
N LYS A 92 -10.51 8.81 -23.19
CA LYS A 92 -11.43 7.68 -23.10
C LYS A 92 -11.43 7.15 -21.67
N ASP A 93 -10.28 7.24 -21.02
CA ASP A 93 -10.19 6.93 -19.59
C ASP A 93 -11.07 7.86 -18.76
N ALA A 94 -10.88 9.16 -18.96
CA ALA A 94 -11.58 10.18 -18.18
C ALA A 94 -13.10 10.06 -18.28
N GLU A 95 -13.60 9.82 -19.49
CA GLU A 95 -15.04 9.68 -19.69
C GLU A 95 -15.56 8.41 -19.02
N ALA A 96 -14.83 7.31 -19.18
CA ALA A 96 -15.23 6.04 -18.60
C ALA A 96 -15.22 6.13 -17.08
N LEU A 97 -14.21 6.80 -16.54
CA LEU A 97 -14.11 7.04 -15.11
C LEU A 97 -15.25 7.92 -14.62
N PHE A 98 -15.56 8.95 -15.40
CA PHE A 98 -16.61 9.89 -15.04
C PHE A 98 -17.94 9.15 -14.85
N LYS A 99 -18.31 8.33 -15.83
CA LYS A 99 -19.56 7.57 -15.76
C LYS A 99 -19.59 6.60 -14.59
N CYS A 100 -18.46 5.92 -14.36
CA CYS A 100 -18.37 4.94 -13.28
C CYS A 100 -18.58 5.58 -11.92
N PHE A 101 -17.84 6.64 -11.63
CA PHE A 101 -17.90 7.29 -10.34
C PHE A 101 -19.19 8.08 -10.17
N ARG A 102 -19.74 8.55 -11.28
CA ARG A 102 -21.06 9.16 -11.27
C ARG A 102 -22.12 8.14 -10.87
N SER A 103 -21.99 6.94 -11.40
CA SER A 103 -22.91 5.84 -11.11
C SER A 103 -22.83 5.43 -9.65
N LEU A 104 -21.62 5.50 -9.10
CA LEU A 104 -21.41 5.20 -7.68
C LEU A 104 -22.15 6.20 -6.80
N GLY A 105 -22.28 7.43 -7.29
CA GLY A 105 -22.95 8.49 -6.54
C GLY A 105 -22.09 9.70 -6.27
N PHE A 106 -20.91 9.74 -6.88
CA PHE A 106 -20.01 10.87 -6.69
C PHE A 106 -20.45 12.08 -7.51
N ASP A 107 -20.25 13.27 -6.97
CA ASP A 107 -20.45 14.50 -7.72
C ASP A 107 -19.16 14.81 -8.47
N VAL A 108 -19.08 14.35 -9.72
CA VAL A 108 -17.83 14.36 -10.46
C VAL A 108 -17.64 15.60 -11.32
N ILE A 109 -16.44 16.18 -11.23
CA ILE A 109 -16.04 17.29 -12.09
C ILE A 109 -14.69 16.96 -12.72
N VAL A 110 -14.61 17.12 -14.04
CA VAL A 110 -13.36 16.82 -14.75
C VAL A 110 -12.64 18.11 -15.14
N TYR A 111 -11.38 18.20 -14.73
CA TYR A 111 -10.54 19.34 -15.07
C TYR A 111 -9.48 18.87 -16.06
N ASN A 112 -9.18 19.68 -17.06
CA ASN A 112 -8.31 19.24 -18.14
C ASN A 112 -7.06 20.09 -18.32
N ASP A 113 -5.94 19.43 -18.60
CA ASP A 113 -4.65 20.07 -18.86
C ASP A 113 -4.30 21.11 -17.79
N CYS A 114 -4.21 20.65 -16.55
CA CYS A 114 -3.97 21.54 -15.42
C CYS A 114 -2.48 21.76 -15.16
N SER A 115 -2.14 22.98 -14.76
CA SER A 115 -0.78 23.29 -14.32
C SER A 115 -0.59 22.79 -12.89
N CYS A 116 0.67 22.75 -12.45
CA CYS A 116 0.99 22.33 -11.08
C CYS A 116 0.29 23.21 -10.05
N ALA A 117 0.32 24.51 -10.29
CA ALA A 117 -0.34 25.47 -9.39
C ALA A 117 -1.84 25.24 -9.38
N LYS A 118 -2.41 24.95 -10.56
CA LYS A 118 -3.84 24.68 -10.67
C LYS A 118 -4.23 23.43 -9.89
N MET A 119 -3.47 22.35 -10.09
CA MET A 119 -3.72 21.09 -9.40
C MET A 119 -3.65 21.28 -7.89
N GLN A 120 -2.65 22.03 -7.43
CA GLN A 120 -2.52 22.34 -6.01
C GLN A 120 -3.74 23.12 -5.53
N ASP A 121 -4.17 24.09 -6.34
CA ASP A 121 -5.28 24.95 -5.97
C ASP A 121 -6.60 24.17 -5.96
N LEU A 122 -6.80 23.33 -6.97
CA LEU A 122 -7.98 22.47 -7.05
C LEU A 122 -8.19 21.66 -5.77
N LEU A 123 -7.12 20.99 -5.32
CA LEU A 123 -7.20 20.12 -4.15
C LEU A 123 -7.25 20.91 -2.84
N LYS A 124 -6.50 22.01 -2.78
CA LYS A 124 -6.54 22.89 -1.61
C LYS A 124 -7.94 23.42 -1.38
N LYS A 125 -8.57 23.92 -2.44
CA LYS A 125 -9.93 24.45 -2.37
C LYS A 125 -10.92 23.35 -1.96
N ALA A 126 -10.73 22.16 -2.51
CA ALA A 126 -11.58 21.02 -2.20
C ALA A 126 -11.52 20.65 -0.73
N SER A 127 -10.33 20.74 -0.15
CA SER A 127 -10.13 20.40 1.26
C SER A 127 -10.71 21.47 2.17
N GLU A 128 -10.90 22.67 1.62
CA GLU A 128 -11.45 23.79 2.38
C GLU A 128 -12.97 23.85 2.31
N GLU A 129 -13.56 23.06 1.41
CA GLU A 129 -15.02 22.98 1.31
C GLU A 129 -15.61 22.29 2.54
N ASP A 130 -16.93 22.29 2.63
CA ASP A 130 -17.62 21.66 3.75
C ASP A 130 -18.13 20.28 3.36
N HIS A 131 -17.52 19.25 3.94
CA HIS A 131 -17.85 17.88 3.61
C HIS A 131 -18.71 17.20 4.68
N THR A 132 -19.38 18.02 5.49
CA THR A 132 -20.20 17.54 6.60
C THR A 132 -21.26 16.54 6.14
N ASN A 133 -21.84 16.78 4.97
CA ASN A 133 -22.90 15.92 4.45
C ASN A 133 -22.39 14.90 3.44
N ALA A 134 -21.06 14.78 3.34
CA ALA A 134 -20.45 13.83 2.41
C ALA A 134 -19.93 12.60 3.15
N ALA A 135 -20.12 11.43 2.55
CA ALA A 135 -19.61 10.18 3.12
C ALA A 135 -18.10 10.07 2.96
N CYS A 136 -17.59 10.59 1.85
CA CYS A 136 -16.17 10.45 1.53
C CYS A 136 -15.72 11.44 0.46
N PHE A 137 -14.43 11.36 0.10
CA PHE A 137 -13.89 12.17 -0.98
C PHE A 137 -13.05 11.30 -1.92
N ALA A 138 -13.14 11.58 -3.22
CA ALA A 138 -12.35 10.86 -4.20
C ALA A 138 -11.63 11.82 -5.14
N CYS A 139 -10.40 11.45 -5.52
CA CYS A 139 -9.65 12.23 -6.50
C CYS A 139 -8.92 11.29 -7.46
N ILE A 140 -9.06 11.54 -8.76
CA ILE A 140 -8.40 10.72 -9.77
C ILE A 140 -7.40 11.54 -10.57
N LEU A 141 -6.16 11.07 -10.59
CA LEU A 141 -5.10 11.77 -11.31
C LEU A 141 -4.66 10.99 -12.55
N LEU A 142 -4.81 11.62 -13.71
CA LEU A 142 -4.38 11.02 -14.98
C LEU A 142 -3.34 11.90 -15.67
N SER A 143 -2.07 11.49 -15.62
CA SER A 143 -1.00 12.28 -16.21
C SER A 143 0.31 11.49 -16.35
N HIS A 144 1.34 12.16 -16.86
CA HIS A 144 2.69 11.64 -16.80
C HIS A 144 3.18 11.72 -15.36
N GLY A 145 4.14 10.86 -15.01
CA GLY A 145 4.71 10.93 -13.68
C GLY A 145 6.07 10.28 -13.53
N GLU A 146 6.68 10.55 -12.38
CA GLU A 146 7.89 9.88 -11.96
C GLU A 146 7.68 9.52 -10.49
N GLU A 147 8.65 8.85 -9.87
CA GLU A 147 8.48 8.40 -8.49
C GLU A 147 8.19 9.58 -7.55
N ASN A 148 7.07 9.46 -6.83
CA ASN A 148 6.62 10.44 -5.83
C ASN A 148 6.13 11.76 -6.40
N VAL A 149 6.09 11.87 -7.73
CA VAL A 149 5.69 13.12 -8.37
C VAL A 149 4.76 12.90 -9.55
N ILE A 150 3.90 13.88 -9.82
CA ILE A 150 3.01 13.80 -10.97
C ILE A 150 3.19 15.06 -11.82
N TYR A 151 3.02 14.92 -13.13
CA TYR A 151 3.19 16.04 -14.03
C TYR A 151 1.97 16.95 -14.15
N GLY A 152 2.21 18.24 -13.96
CA GLY A 152 1.31 19.26 -14.45
C GLY A 152 1.76 19.57 -15.86
N LYS A 153 1.04 20.46 -16.55
CA LYS A 153 1.46 20.92 -17.88
C LYS A 153 2.84 21.57 -17.84
N ASP A 154 3.13 22.34 -16.80
CA ASP A 154 4.37 23.12 -16.69
C ASP A 154 5.54 22.32 -16.11
N GLY A 155 5.26 21.12 -15.62
CA GLY A 155 6.27 20.34 -14.92
C GLY A 155 5.70 19.43 -13.84
N VAL A 156 6.52 19.11 -12.86
CA VAL A 156 6.16 18.14 -11.82
C VAL A 156 5.83 18.77 -10.47
N THR A 157 4.97 18.09 -9.72
CA THR A 157 4.64 18.48 -8.36
C THR A 157 4.50 17.21 -7.51
N PRO A 158 4.93 17.28 -6.24
CA PRO A 158 4.87 16.09 -5.38
C PRO A 158 3.45 15.66 -5.07
N ILE A 159 3.20 14.35 -5.13
CA ILE A 159 1.89 13.78 -4.84
C ILE A 159 1.55 13.99 -3.37
N LYS A 160 2.58 14.01 -2.52
CA LYS A 160 2.40 14.23 -1.09
C LYS A 160 1.78 15.58 -0.78
N ASP A 161 2.16 16.59 -1.56
CA ASP A 161 1.66 17.94 -1.36
C ASP A 161 0.19 18.06 -1.75
N LEU A 162 -0.21 17.35 -2.80
CA LEU A 162 -1.59 17.34 -3.25
C LEU A 162 -2.53 16.74 -2.22
N THR A 163 -2.10 15.65 -1.60
CA THR A 163 -2.96 14.88 -0.69
C THR A 163 -2.90 15.35 0.76
N ALA A 164 -1.85 16.07 1.12
CA ALA A 164 -1.66 16.54 2.50
C ALA A 164 -2.76 17.48 2.96
N HIS A 165 -3.40 18.15 2.00
CA HIS A 165 -4.50 19.07 2.29
C HIS A 165 -5.66 18.39 3.00
N PHE A 166 -5.78 17.07 2.82
CA PHE A 166 -6.93 16.33 3.35
C PHE A 166 -6.59 15.57 4.63
N ARG A 167 -5.42 15.85 5.20
CA ARG A 167 -5.05 15.31 6.51
C ARG A 167 -6.11 15.69 7.55
N GLY A 168 -6.24 14.86 8.58
CA GLY A 168 -7.26 15.04 9.60
C GLY A 168 -7.25 16.41 10.24
N ASP A 169 -6.05 16.95 10.46
CA ASP A 169 -5.90 18.26 11.10
C ASP A 169 -6.07 19.41 10.10
N ARG A 170 -6.19 19.08 8.81
CA ARG A 170 -6.29 20.10 7.78
C ARG A 170 -7.61 20.03 7.02
N CYS A 171 -8.45 19.05 7.36
CA CYS A 171 -9.77 18.93 6.76
C CYS A 171 -10.72 18.22 7.72
N LYS A 172 -11.22 18.97 8.69
CA LYS A 172 -11.99 18.40 9.81
C LYS A 172 -13.30 17.74 9.40
N THR A 173 -13.85 18.14 8.27
CA THR A 173 -15.13 17.61 7.82
C THR A 173 -15.00 16.28 7.08
N LEU A 174 -13.76 15.86 6.82
CA LEU A 174 -13.51 14.54 6.28
C LEU A 174 -12.82 13.64 7.29
N LEU A 175 -12.83 14.07 8.55
CA LEU A 175 -12.25 13.26 9.63
C LEU A 175 -13.04 11.97 9.80
N GLU A 176 -12.31 10.86 9.96
CA GLU A 176 -12.89 9.53 10.06
C GLU A 176 -13.69 9.14 8.81
N LYS A 177 -13.44 9.85 7.72
CA LYS A 177 -14.07 9.56 6.44
C LYS A 177 -13.00 9.15 5.43
N PRO A 178 -13.33 8.20 4.55
CA PRO A 178 -12.31 7.74 3.59
C PRO A 178 -11.95 8.79 2.55
N LYS A 179 -10.65 8.93 2.30
CA LYS A 179 -10.15 9.84 1.27
C LYS A 179 -9.39 9.05 0.22
N LEU A 180 -9.99 8.94 -0.95
CA LEU A 180 -9.50 8.03 -1.99
C LEU A 180 -8.75 8.76 -3.10
N PHE A 181 -7.59 8.23 -3.47
CA PHE A 181 -6.82 8.80 -4.57
C PHE A 181 -6.42 7.72 -5.58
N PHE A 182 -6.97 7.84 -6.78
CA PHE A 182 -6.65 6.92 -7.87
C PHE A 182 -5.66 7.59 -8.81
N ILE A 183 -4.52 6.94 -9.04
CA ILE A 183 -3.42 7.59 -9.78
C ILE A 183 -2.92 6.76 -10.95
N GLN A 184 -3.23 7.22 -12.16
CA GLN A 184 -2.69 6.63 -13.39
C GLN A 184 -1.52 7.46 -13.89
N ALA A 185 -0.32 6.96 -13.65
CA ALA A 185 0.92 7.68 -13.97
C ALA A 185 2.12 6.78 -13.71
N CYS A 186 3.21 7.04 -14.44
CA CYS A 186 4.45 6.29 -14.24
C CYS A 186 5.07 6.65 -12.91
N ARG A 187 5.82 5.71 -12.34
CA ARG A 187 6.48 5.92 -11.05
C ARG A 187 7.96 5.59 -11.17
N GLY A 188 8.49 5.72 -12.38
CA GLY A 188 9.85 5.31 -12.67
C GLY A 188 9.95 4.77 -14.09
N THR A 189 11.09 4.16 -14.43
CA THR A 189 11.33 3.75 -15.80
C THR A 189 11.46 2.23 -15.96
N GLU A 190 11.51 1.50 -14.85
CA GLU A 190 11.58 0.04 -14.91
C GLU A 190 10.39 -0.57 -15.61
N LEU A 191 10.60 -1.74 -16.20
CA LEU A 191 9.52 -2.50 -16.84
C LEU A 191 9.49 -3.92 -16.28
N ASP A 192 8.31 -4.53 -16.31
CA ASP A 192 8.15 -5.87 -15.76
C ASP A 192 8.05 -6.89 -16.90
N ASP A 193 9.09 -7.69 -17.05
CA ASP A 193 9.17 -8.64 -18.16
C ASP A 193 8.20 -9.81 -18.00
N GLY A 194 7.78 -10.06 -16.76
CA GLY A 194 6.90 -11.18 -16.49
C GLY A 194 7.67 -12.49 -16.46
N ILE A 195 6.94 -13.60 -16.35
CA ILE A 195 7.58 -14.91 -16.25
C ILE A 195 6.58 -16.03 -16.55
N GLN A 196 7.07 -17.09 -17.18
CA GLN A 196 6.35 -18.36 -17.40
C GLN A 196 5.17 -18.22 -18.36
N TYR B 13 -9.23 9.12 22.26
CA TYR B 13 -10.26 9.94 21.63
C TYR B 13 -9.70 10.63 20.40
N LYS B 14 -8.38 10.60 20.26
CA LYS B 14 -7.69 11.26 19.17
C LYS B 14 -7.51 10.36 17.95
N ILE B 15 -7.31 10.96 16.78
CA ILE B 15 -7.16 10.22 15.54
C ILE B 15 -5.95 10.70 14.76
N PRO B 16 -5.14 9.77 14.21
CA PRO B 16 -3.96 10.14 13.43
C PRO B 16 -4.33 10.95 12.19
N VAL B 17 -3.54 11.99 11.89
CA VAL B 17 -3.82 12.88 10.79
C VAL B 17 -3.65 12.20 9.42
N GLU B 18 -2.88 11.12 9.39
CA GLU B 18 -2.60 10.41 8.15
C GLU B 18 -3.55 9.25 7.91
N ALA B 19 -4.45 9.01 8.87
CA ALA B 19 -5.39 7.89 8.80
C ALA B 19 -6.47 8.10 7.74
N ASP B 20 -7.11 7.00 7.35
CA ASP B 20 -8.25 7.00 6.44
C ASP B 20 -7.93 7.50 5.03
N PHE B 21 -6.67 7.32 4.61
CA PHE B 21 -6.30 7.52 3.22
C PHE B 21 -6.23 6.19 2.47
N LEU B 22 -6.57 6.22 1.18
CA LEU B 22 -6.30 5.09 0.30
C LEU B 22 -5.73 5.58 -1.02
N PHE B 23 -4.62 4.98 -1.44
CA PHE B 23 -4.01 5.29 -2.72
C PHE B 23 -4.06 4.08 -3.64
N ALA B 24 -4.75 4.23 -4.77
CA ALA B 24 -4.79 3.17 -5.78
C ALA B 24 -3.89 3.55 -6.95
N TYR B 25 -2.62 3.18 -6.86
CA TYR B 25 -1.67 3.43 -7.93
C TYR B 25 -1.83 2.43 -9.07
N SER B 26 -1.59 2.90 -10.29
CA SER B 26 -1.67 2.06 -11.48
C SER B 26 -0.51 1.07 -11.53
N THR B 27 0.56 1.37 -10.80
CA THR B 27 1.75 0.54 -10.83
C THR B 27 2.56 0.68 -9.54
N VAL B 28 3.63 -0.11 -9.44
CA VAL B 28 4.47 -0.13 -8.25
C VAL B 28 5.59 0.90 -8.38
N PRO B 29 6.19 1.31 -7.24
CA PRO B 29 7.28 2.30 -7.28
C PRO B 29 8.45 1.87 -8.16
N GLY B 30 8.97 2.80 -8.95
CA GLY B 30 10.12 2.54 -9.79
C GLY B 30 9.75 2.07 -11.18
N TYR B 31 8.48 1.75 -11.37
CA TYR B 31 8.03 1.14 -12.63
C TYR B 31 7.17 2.08 -13.46
N ALA B 32 7.08 1.78 -14.76
CA ALA B 32 6.23 2.54 -15.68
C ALA B 32 4.79 2.06 -15.63
N SER B 33 3.92 2.76 -16.34
CA SER B 33 2.51 2.38 -16.43
C SER B 33 2.07 2.42 -17.89
N MET B 34 1.35 1.38 -18.31
CA MET B 34 1.03 1.23 -19.72
C MET B 34 -0.27 1.91 -20.13
N ARG B 35 -0.24 2.58 -21.28
CA ARG B 35 -1.41 3.25 -21.83
C ARG B 35 -1.62 2.90 -23.30
N ASN B 36 -2.80 2.40 -23.63
CA ASN B 36 -3.16 2.14 -25.02
C ASN B 36 -3.90 3.33 -25.61
N PRO B 37 -3.33 3.93 -26.68
CA PRO B 37 -3.85 5.17 -27.27
C PRO B 37 -5.28 5.06 -27.80
N GLY B 38 -5.68 3.86 -28.19
CA GLY B 38 -7.01 3.63 -28.72
C GLY B 38 -8.00 3.16 -27.67
N ARG B 39 -7.51 2.54 -26.62
CA ARG B 39 -8.39 1.91 -25.64
C ARG B 39 -8.24 2.47 -24.23
N GLY B 40 -7.19 3.26 -24.01
CA GLY B 40 -6.94 3.83 -22.70
C GLY B 40 -5.93 3.04 -21.91
N SER B 41 -5.55 3.57 -20.76
CA SER B 41 -4.59 2.89 -19.88
C SER B 41 -5.16 1.58 -19.33
N TRP B 42 -4.28 0.64 -19.04
CA TRP B 42 -4.67 -0.67 -18.53
C TRP B 42 -5.43 -0.57 -17.22
N PHE B 43 -4.85 0.15 -16.27
CA PHE B 43 -5.39 0.31 -14.93
C PHE B 43 -6.82 0.87 -14.92
N VAL B 44 -7.05 1.90 -15.72
CA VAL B 44 -8.37 2.53 -15.79
C VAL B 44 -9.39 1.60 -16.43
N GLN B 45 -9.00 0.96 -17.53
CA GLN B 45 -9.84 -0.03 -18.19
C GLN B 45 -10.34 -1.09 -17.21
N ALA B 46 -9.41 -1.67 -16.45
CA ALA B 46 -9.73 -2.71 -15.50
C ALA B 46 -10.60 -2.17 -14.36
N LEU B 47 -10.22 -1.01 -13.84
CA LEU B 47 -10.95 -0.37 -12.76
C LEU B 47 -12.41 -0.14 -13.12
N CYS B 48 -12.64 0.41 -14.31
CA CYS B 48 -13.99 0.74 -14.76
C CYS B 48 -14.84 -0.52 -14.97
N SER B 49 -14.24 -1.53 -15.60
CA SER B 49 -14.93 -2.80 -15.86
C SER B 49 -15.39 -3.45 -14.56
N ILE B 50 -14.51 -3.47 -13.56
CA ILE B 50 -14.82 -4.08 -12.27
C ILE B 50 -15.84 -3.25 -11.49
N LEU B 51 -15.69 -1.93 -11.54
CA LEU B 51 -16.62 -1.02 -10.88
C LEU B 51 -18.01 -1.12 -11.49
N GLU B 52 -18.07 -1.19 -12.81
CA GLU B 52 -19.33 -1.34 -13.53
C GLU B 52 -20.12 -2.57 -13.09
N GLU B 53 -19.42 -3.66 -12.79
CA GLU B 53 -20.07 -4.91 -12.44
C GLU B 53 -20.26 -5.11 -10.94
N HIS B 54 -19.42 -4.46 -10.14
CA HIS B 54 -19.37 -4.76 -8.72
C HIS B 54 -19.14 -3.58 -7.80
N GLY B 55 -19.19 -2.36 -8.35
CA GLY B 55 -18.98 -1.16 -7.56
C GLY B 55 -19.86 -1.04 -6.33
N LYS B 56 -21.09 -1.54 -6.42
CA LYS B 56 -22.07 -1.40 -5.35
C LYS B 56 -22.10 -2.56 -4.35
N ASP B 57 -21.62 -3.73 -4.77
CA ASP B 57 -21.78 -4.92 -3.93
C ASP B 57 -20.48 -5.45 -3.32
N LEU B 58 -19.34 -4.95 -3.77
CA LEU B 58 -18.06 -5.40 -3.23
C LEU B 58 -17.35 -4.34 -2.41
N GLU B 59 -16.58 -4.78 -1.42
CA GLU B 59 -15.77 -3.88 -0.59
C GLU B 59 -14.61 -3.37 -1.45
N ILE B 60 -14.15 -2.15 -1.16
CA ILE B 60 -13.17 -1.48 -2.01
C ILE B 60 -11.89 -2.28 -2.24
N MET B 61 -11.41 -2.98 -1.22
CA MET B 61 -10.21 -3.79 -1.35
C MET B 61 -10.46 -5.02 -2.23
N GLN B 62 -11.65 -5.60 -2.12
CA GLN B 62 -12.06 -6.68 -3.01
C GLN B 62 -12.05 -6.19 -4.45
N ILE B 63 -12.57 -4.98 -4.65
CA ILE B 63 -12.63 -4.37 -5.97
C ILE B 63 -11.24 -4.18 -6.55
N LEU B 64 -10.35 -3.54 -5.78
CA LEU B 64 -9.02 -3.21 -6.24
C LEU B 64 -8.14 -4.45 -6.39
N THR B 65 -8.42 -5.47 -5.60
CA THR B 65 -7.70 -6.74 -5.72
C THR B 65 -8.03 -7.41 -7.05
N ARG B 66 -9.30 -7.37 -7.43
CA ARG B 66 -9.73 -7.91 -8.72
C ARG B 66 -9.15 -7.07 -9.86
N VAL B 67 -9.01 -5.77 -9.63
CA VAL B 67 -8.37 -4.88 -10.60
C VAL B 67 -6.91 -5.29 -10.78
N ASN B 68 -6.23 -5.55 -9.67
CA ASN B 68 -4.86 -6.06 -9.68
C ASN B 68 -4.74 -7.31 -10.55
N ASP B 69 -5.63 -8.27 -10.31
CA ASP B 69 -5.65 -9.53 -11.07
C ASP B 69 -5.88 -9.29 -12.55
N ARG B 70 -6.85 -8.45 -12.87
CA ARG B 70 -7.21 -8.17 -14.26
C ARG B 70 -6.06 -7.54 -15.03
N VAL B 71 -5.40 -6.56 -14.41
CA VAL B 71 -4.26 -5.89 -15.03
C VAL B 71 -3.09 -6.86 -15.20
N ALA B 72 -2.90 -7.72 -14.21
CA ALA B 72 -1.78 -8.64 -14.21
C ALA B 72 -1.94 -9.75 -15.24
N ARG B 73 -3.16 -10.23 -15.43
CA ARG B 73 -3.43 -11.32 -16.36
C ARG B 73 -3.89 -10.91 -17.76
N HIS B 74 -4.93 -10.08 -17.84
CA HIS B 74 -5.56 -9.78 -19.11
C HIS B 74 -4.69 -8.91 -20.04
N PHE B 75 -3.62 -8.34 -19.50
CA PHE B 75 -2.84 -7.37 -20.27
C PHE B 75 -1.38 -7.77 -20.50
N GLU B 76 -0.90 -7.45 -21.70
CA GLU B 76 0.50 -7.61 -22.06
C GLU B 76 0.82 -6.65 -23.20
N SER B 77 1.91 -5.90 -23.05
CA SER B 77 2.19 -4.79 -23.95
C SER B 77 2.61 -5.27 -25.33
N GLN B 78 2.18 -4.53 -26.35
CA GLN B 78 2.65 -4.78 -27.71
C GLN B 78 3.32 -3.52 -28.24
N SER B 79 4.46 -3.70 -28.90
CA SER B 79 5.25 -2.56 -29.36
C SER B 79 6.31 -2.95 -30.38
N ASP B 80 6.55 -2.06 -31.34
CA ASP B 80 7.61 -2.24 -32.32
C ASP B 80 8.98 -2.11 -31.65
N ASP B 81 9.06 -1.16 -30.72
CA ASP B 81 10.22 -1.02 -29.85
C ASP B 81 10.31 -2.23 -28.93
N PRO B 82 11.41 -3.01 -29.05
CA PRO B 82 11.58 -4.23 -28.24
C PRO B 82 11.68 -3.93 -26.75
N HIS B 83 12.19 -2.76 -26.39
CA HIS B 83 12.33 -2.36 -25.00
C HIS B 83 10.97 -2.34 -24.29
N PHE B 84 9.91 -2.03 -25.05
CA PHE B 84 8.55 -1.98 -24.52
C PHE B 84 7.66 -3.11 -25.01
N HIS B 85 8.25 -4.17 -25.56
CA HIS B 85 7.47 -5.27 -26.12
C HIS B 85 7.22 -6.39 -25.12
N GLU B 86 6.00 -6.89 -25.09
CA GLU B 86 5.60 -8.02 -24.24
C GLU B 86 5.91 -7.80 -22.77
N LYS B 87 5.66 -6.58 -22.29
CA LYS B 87 5.90 -6.25 -20.88
C LYS B 87 4.62 -6.41 -20.07
N LYS B 88 4.77 -6.54 -18.76
CA LYS B 88 3.65 -6.79 -17.87
C LYS B 88 3.51 -5.68 -16.84
N GLN B 89 2.41 -5.68 -16.09
CA GLN B 89 2.15 -4.64 -15.12
C GLN B 89 1.32 -5.14 -13.93
N ILE B 90 1.68 -4.69 -12.74
CA ILE B 90 0.89 -4.94 -11.54
C ILE B 90 0.65 -3.62 -10.81
N PRO B 91 -0.62 -3.33 -10.48
CA PRO B 91 -0.91 -2.08 -9.76
C PRO B 91 -0.52 -2.16 -8.29
N CYS B 92 -0.81 -1.11 -7.53
CA CYS B 92 -0.30 -0.98 -6.17
C CYS B 92 -1.28 -0.23 -5.28
N VAL B 93 -1.90 -0.96 -4.35
CA VAL B 93 -2.87 -0.38 -3.44
C VAL B 93 -2.22 -0.06 -2.08
N VAL B 94 -2.34 1.20 -1.67
CA VAL B 94 -1.85 1.61 -0.35
C VAL B 94 -3.02 2.04 0.53
N SER B 95 -3.24 1.30 1.61
CA SER B 95 -4.41 1.53 2.46
C SER B 95 -4.05 1.97 3.88
N MET B 96 -4.56 3.14 4.26
CA MET B 96 -4.51 3.57 5.66
C MET B 96 -5.92 3.62 6.23
N LEU B 97 -6.84 2.91 5.58
CA LEU B 97 -8.23 2.86 6.02
C LEU B 97 -8.37 2.15 7.36
N THR B 98 -9.39 2.55 8.11
CA THR B 98 -9.63 1.97 9.44
C THR B 98 -10.93 1.15 9.44
N LYS B 99 -11.64 1.18 8.33
CA LYS B 99 -12.90 0.44 8.20
C LYS B 99 -13.02 -0.18 6.81
N GLU B 100 -14.00 -1.07 6.65
CA GLU B 100 -14.36 -1.58 5.34
C GLU B 100 -15.18 -0.54 4.60
N LEU B 101 -15.02 -0.45 3.28
CA LEU B 101 -15.70 0.58 2.51
C LEU B 101 -16.63 0.00 1.44
N TYR B 102 -17.93 0.25 1.61
CA TYR B 102 -18.93 -0.08 0.61
C TYR B 102 -19.59 1.19 0.08
N PHE B 103 -19.78 1.26 -1.24
CA PHE B 103 -20.35 2.43 -1.90
C PHE B 103 -21.88 2.46 -1.92
N SER B 104 -22.51 1.64 -1.08
CA SER B 104 -23.96 1.55 -1.07
C SER B 104 -24.54 1.68 0.32
N GLN B 105 -25.86 1.68 0.39
CA GLN B 105 -26.57 1.74 1.67
C GLN B 105 -26.23 3.01 2.46
N THR C 57 -12.32 -18.99 -7.59
CA THR C 57 -11.40 -18.38 -8.54
C THR C 57 -11.05 -16.96 -8.14
N TYR C 58 -11.49 -16.56 -6.95
CA TYR C 58 -11.23 -15.21 -6.46
C TYR C 58 -10.37 -15.24 -5.20
N GLN C 59 -10.10 -16.44 -4.70
CA GLN C 59 -9.25 -16.61 -3.52
C GLN C 59 -7.99 -17.38 -3.88
N TYR C 60 -6.91 -17.12 -3.16
CA TYR C 60 -5.68 -17.89 -3.33
C TYR C 60 -5.91 -19.35 -2.96
N ASN C 61 -5.37 -20.26 -3.77
CA ASN C 61 -5.47 -21.68 -3.48
C ASN C 61 -4.67 -22.05 -2.23
N MET C 62 -5.37 -22.55 -1.23
CA MET C 62 -4.74 -22.88 0.05
C MET C 62 -4.61 -24.38 0.26
N ASN C 63 -4.89 -25.15 -0.80
CA ASN C 63 -4.82 -26.61 -0.71
C ASN C 63 -3.43 -27.12 -1.01
N PHE C 64 -2.53 -26.99 -0.03
CA PHE C 64 -1.17 -27.47 -0.14
C PHE C 64 -0.82 -28.29 1.09
N GLU C 65 0.28 -29.03 1.01
CA GLU C 65 0.71 -29.86 2.14
C GLU C 65 0.98 -29.01 3.39
N LYS C 66 1.67 -27.90 3.21
CA LYS C 66 1.92 -26.95 4.30
C LYS C 66 1.47 -25.54 3.93
N LEU C 67 1.11 -24.76 4.93
CA LEU C 67 0.76 -23.36 4.73
C LEU C 67 1.96 -22.55 4.23
N GLY C 68 3.10 -22.70 4.90
CA GLY C 68 4.32 -22.10 4.41
C GLY C 68 5.32 -21.73 5.49
N LYS C 69 6.43 -21.14 5.07
CA LYS C 69 7.48 -20.72 5.99
C LYS C 69 7.21 -19.33 6.55
N CYS C 70 7.49 -19.14 7.84
CA CYS C 70 7.42 -17.83 8.45
C CYS C 70 8.74 -17.47 9.09
N ILE C 71 9.46 -16.52 8.49
CA ILE C 71 10.73 -16.07 9.01
C ILE C 71 10.59 -14.80 9.84
N ILE C 72 10.98 -14.88 11.11
CA ILE C 72 10.97 -13.73 11.99
C ILE C 72 12.39 -13.23 12.29
N ILE C 73 12.67 -11.99 11.90
CA ILE C 73 13.95 -11.36 12.20
C ILE C 73 13.81 -10.46 13.41
N ASN C 74 14.40 -10.87 14.53
CA ASN C 74 14.27 -10.14 15.78
C ASN C 74 15.55 -9.41 16.16
N ASN C 75 15.68 -8.17 15.69
CA ASN C 75 16.88 -7.38 15.97
C ASN C 75 16.70 -6.52 17.21
N LYS C 76 17.44 -6.84 18.26
CA LYS C 76 17.30 -6.14 19.54
C LYS C 76 18.51 -5.27 19.83
N ASN C 77 19.70 -5.83 19.64
CA ASN C 77 20.92 -5.12 19.98
C ASN C 77 21.62 -4.65 18.70
N PHE C 78 22.28 -3.50 18.79
CA PHE C 78 22.95 -2.93 17.62
C PHE C 78 24.33 -2.39 17.97
N ASP C 79 25.27 -2.53 17.03
CA ASP C 79 26.59 -1.95 17.16
C ASP C 79 26.50 -0.44 17.40
N LYS C 80 27.21 0.04 18.42
CA LYS C 80 27.19 1.44 18.83
C LYS C 80 27.39 2.43 17.68
N VAL C 81 28.26 2.07 16.74
CA VAL C 81 28.57 2.91 15.59
C VAL C 81 27.35 3.27 14.74
N THR C 82 26.30 2.46 14.82
CA THR C 82 25.07 2.72 14.09
C THR C 82 24.27 3.85 14.74
N GLY C 83 24.57 4.11 16.00
CA GLY C 83 23.89 5.14 16.76
C GLY C 83 22.50 4.69 17.23
N MET C 84 22.21 3.41 17.05
CA MET C 84 20.93 2.86 17.44
C MET C 84 20.98 2.22 18.82
N GLY C 85 19.98 2.50 19.63
CA GLY C 85 19.89 1.97 20.98
C GLY C 85 19.22 0.61 21.03
N VAL C 86 19.14 0.04 22.23
CA VAL C 86 18.49 -1.25 22.42
C VAL C 86 17.00 -1.11 22.13
N ARG C 87 16.42 -2.14 21.53
CA ARG C 87 14.99 -2.12 21.22
C ARG C 87 14.21 -2.95 22.23
N ASN C 88 14.16 -2.46 23.47
CA ASN C 88 13.45 -3.16 24.54
C ASN C 88 11.98 -3.35 24.22
N GLY C 89 11.48 -4.56 24.41
CA GLY C 89 10.10 -4.89 24.11
C GLY C 89 9.97 -5.76 22.87
N THR C 90 11.04 -5.82 22.07
CA THR C 90 11.02 -6.58 20.83
C THR C 90 10.97 -8.08 21.07
N ASP C 91 11.45 -8.52 22.24
CA ASP C 91 11.42 -9.94 22.58
C ASP C 91 9.99 -10.43 22.77
N LYS C 92 9.15 -9.58 23.35
CA LYS C 92 7.75 -9.94 23.56
C LYS C 92 6.99 -9.90 22.24
N ASP C 93 7.39 -9.00 21.35
CA ASP C 93 6.88 -8.98 19.99
C ASP C 93 7.19 -10.27 19.26
N ALA C 94 8.48 -10.63 19.24
CA ALA C 94 8.95 -11.80 18.51
C ALA C 94 8.23 -13.07 18.97
N GLU C 95 8.01 -13.16 20.28
CA GLU C 95 7.31 -14.31 20.87
C GLU C 95 5.84 -14.40 20.46
N ALA C 96 5.16 -13.26 20.55
CA ALA C 96 3.74 -13.20 20.25
C ALA C 96 3.51 -13.53 18.78
N LEU C 97 4.39 -13.02 17.94
CA LEU C 97 4.36 -13.28 16.51
C LEU C 97 4.59 -14.77 16.27
N PHE C 98 5.54 -15.33 16.99
CA PHE C 98 5.84 -16.76 16.92
C PHE C 98 4.63 -17.63 17.26
N LYS C 99 4.03 -17.35 18.41
CA LYS C 99 2.89 -18.14 18.88
C LYS C 99 1.71 -18.02 17.91
N CYS C 100 1.49 -16.80 17.42
CA CYS C 100 0.41 -16.54 16.48
C CYS C 100 0.55 -17.28 15.16
N PHE C 101 1.70 -17.12 14.51
CA PHE C 101 1.91 -17.69 13.18
C PHE C 101 2.11 -19.19 13.21
N ARG C 102 2.63 -19.71 14.32
CA ARG C 102 2.68 -21.15 14.51
C ARG C 102 1.26 -21.70 14.58
N SER C 103 0.40 -20.96 15.29
CA SER C 103 -1.00 -21.35 15.44
C SER C 103 -1.74 -21.32 14.10
N LEU C 104 -1.35 -20.38 13.23
CA LEU C 104 -1.94 -20.28 11.90
C LEU C 104 -1.61 -21.50 11.05
N GLY C 105 -0.45 -22.11 11.31
CA GLY C 105 -0.02 -23.27 10.56
C GLY C 105 1.31 -23.08 9.85
N PHE C 106 1.96 -21.95 10.15
CA PHE C 106 3.25 -21.65 9.55
C PHE C 106 4.40 -22.40 10.21
N ASP C 107 5.39 -22.77 9.42
N ASP C 107 5.39 -22.77 9.42
CA ASP C 107 6.63 -23.33 9.95
CA ASP C 107 6.64 -23.32 9.95
C ASP C 107 7.55 -22.16 10.33
C ASP C 107 7.55 -22.16 10.33
N VAL C 108 7.52 -21.78 11.60
CA VAL C 108 8.16 -20.55 12.05
C VAL C 108 9.61 -20.72 12.48
N ILE C 109 10.45 -19.80 12.00
CA ILE C 109 11.86 -19.73 12.40
C ILE C 109 12.20 -18.34 12.87
N VAL C 110 12.80 -18.22 14.06
CA VAL C 110 13.18 -16.93 14.61
C VAL C 110 14.70 -16.68 14.56
N TYR C 111 15.09 -15.58 13.93
CA TYR C 111 16.49 -15.17 13.89
C TYR C 111 16.70 -13.90 14.69
N ASN C 112 17.81 -13.84 15.43
CA ASN C 112 18.04 -12.75 16.36
C ASN C 112 19.34 -11.98 16.14
N ASP C 113 19.28 -10.66 16.29
CA ASP C 113 20.42 -9.77 16.16
C ASP C 113 21.24 -10.06 14.90
N CYS C 114 20.60 -9.97 13.74
CA CYS C 114 21.24 -10.31 12.48
C CYS C 114 21.95 -9.11 11.87
N SER C 115 23.08 -9.37 11.23
CA SER C 115 23.77 -8.36 10.44
C SER C 115 23.06 -8.20 9.10
N CYS C 116 23.39 -7.13 8.38
CA CYS C 116 22.79 -6.89 7.07
C CYS C 116 23.10 -8.05 6.12
N ALA C 117 24.34 -8.52 6.16
CA ALA C 117 24.76 -9.65 5.34
C ALA C 117 24.00 -10.92 5.73
N LYS C 118 23.79 -11.09 7.03
CA LYS C 118 23.04 -12.24 7.53
C LYS C 118 21.60 -12.21 7.03
N MET C 119 20.96 -11.05 7.16
CA MET C 119 19.59 -10.86 6.71
C MET C 119 19.42 -11.10 5.21
N GLN C 120 20.33 -10.54 4.43
CA GLN C 120 20.31 -10.71 2.98
C GLN C 120 20.46 -12.17 2.56
N ASP C 121 21.43 -12.85 3.15
CA ASP C 121 21.74 -14.24 2.80
C ASP C 121 20.62 -15.15 3.24
N LEU C 122 20.13 -14.91 4.45
CA LEU C 122 19.00 -15.62 5.04
C LEU C 122 17.80 -15.67 4.11
N LEU C 123 17.42 -14.51 3.60
CA LEU C 123 16.24 -14.38 2.74
C LEU C 123 16.54 -14.92 1.34
N LYS C 124 17.77 -14.72 0.89
CA LYS C 124 18.23 -15.27 -0.38
C LYS C 124 18.10 -16.79 -0.44
N LYS C 125 18.61 -17.45 0.59
CA LYS C 125 18.53 -18.90 0.69
C LYS C 125 17.09 -19.39 0.78
N ALA C 126 16.28 -18.65 1.54
CA ALA C 126 14.86 -18.98 1.69
C ALA C 126 14.14 -18.97 0.35
N SER C 127 14.51 -18.01 -0.49
CA SER C 127 13.90 -17.87 -1.81
C SER C 127 14.38 -18.97 -2.77
N GLU C 128 15.52 -19.57 -2.44
CA GLU C 128 16.10 -20.61 -3.28
C GLU C 128 15.60 -22.01 -2.89
N GLU C 129 14.92 -22.08 -1.74
CA GLU C 129 14.32 -23.34 -1.30
C GLU C 129 13.14 -23.72 -2.20
N ASP C 130 12.59 -24.90 -1.97
CA ASP C 130 11.47 -25.40 -2.77
C ASP C 130 10.15 -25.18 -2.05
N HIS C 131 9.34 -24.26 -2.57
CA HIS C 131 8.07 -23.91 -1.95
C HIS C 131 6.88 -24.50 -2.68
N THR C 132 7.14 -25.54 -3.48
CA THR C 132 6.10 -26.17 -4.30
C THR C 132 4.92 -26.66 -3.47
N ASN C 133 5.20 -27.16 -2.27
CA ASN C 133 4.16 -27.71 -1.42
C ASN C 133 3.67 -26.70 -0.37
N ALA C 134 4.09 -25.45 -0.52
CA ALA C 134 3.68 -24.39 0.40
C ALA C 134 2.60 -23.50 -0.22
N ALA C 135 1.62 -23.12 0.58
CA ALA C 135 0.56 -22.23 0.12
C ALA C 135 1.05 -20.79 -0.05
N CYS C 136 1.98 -20.38 0.81
CA CYS C 136 2.46 -19.00 0.80
C CYS C 136 3.76 -18.84 1.58
N PHE C 137 4.27 -17.62 1.64
CA PHE C 137 5.46 -17.31 2.43
C PHE C 137 5.24 -16.05 3.25
N ALA C 138 5.75 -16.04 4.48
CA ALA C 138 5.64 -14.88 5.34
C ALA C 138 6.99 -14.51 5.93
N CYS C 139 7.25 -13.21 6.05
CA CYS C 139 8.46 -12.72 6.69
C CYS C 139 8.15 -11.51 7.57
N ILE C 140 8.62 -11.54 8.80
CA ILE C 140 8.39 -10.44 9.73
C ILE C 140 9.70 -9.80 10.16
N LEU C 141 9.80 -8.49 9.96
CA LEU C 141 11.02 -7.75 10.32
C LEU C 141 10.81 -6.86 11.53
N LEU C 142 11.60 -7.11 12.58
CA LEU C 142 11.55 -6.30 13.78
C LEU C 142 12.90 -5.63 14.03
N SER C 143 13.00 -4.33 13.75
CA SER C 143 14.26 -3.61 13.90
C SER C 143 14.09 -2.10 13.85
N HIS C 144 15.20 -1.40 13.96
CA HIS C 144 15.25 0.03 13.65
C HIS C 144 15.13 0.21 12.15
N GLY C 145 14.66 1.38 11.74
CA GLY C 145 14.60 1.66 10.31
C GLY C 145 14.54 3.13 9.96
N GLU C 146 14.72 3.40 8.67
CA GLU C 146 14.52 4.72 8.09
C GLU C 146 13.78 4.49 6.79
N GLU C 147 13.43 5.57 6.09
CA GLU C 147 12.63 5.43 4.87
C GLU C 147 13.29 4.51 3.84
N ASN C 148 12.55 3.48 3.45
CA ASN C 148 12.96 2.51 2.41
C ASN C 148 14.09 1.57 2.84
N VAL C 149 14.52 1.67 4.10
CA VAL C 149 15.65 0.88 4.59
C VAL C 149 15.41 0.30 5.97
N ILE C 150 16.04 -0.84 6.26
CA ILE C 150 15.93 -1.48 7.55
C ILE C 150 17.30 -1.69 8.19
N TYR C 151 17.36 -1.58 9.51
CA TYR C 151 18.61 -1.76 10.23
C TYR C 151 18.94 -3.20 10.57
N GLY C 152 20.14 -3.63 10.19
CA GLY C 152 20.77 -4.78 10.80
C GLY C 152 21.56 -4.26 11.98
N LYS C 153 22.18 -5.15 12.74
CA LYS C 153 23.11 -4.72 13.78
C LYS C 153 24.24 -3.91 13.13
N ASP C 154 24.60 -4.29 11.91
CA ASP C 154 25.75 -3.73 11.22
C ASP C 154 25.48 -2.39 10.53
N GLY C 155 24.22 -2.02 10.39
CA GLY C 155 23.87 -0.84 9.61
C GLY C 155 22.56 -1.00 8.87
N VAL C 156 22.40 -0.26 7.78
CA VAL C 156 21.15 -0.28 7.02
C VAL C 156 21.27 -1.05 5.71
N THR C 157 20.14 -1.63 5.29
CA THR C 157 20.04 -2.30 4.01
C THR C 157 18.65 -2.02 3.43
N PRO C 158 18.55 -1.87 2.10
CA PRO C 158 17.26 -1.54 1.49
C PRO C 158 16.24 -2.66 1.62
N ILE C 159 15.01 -2.30 1.95
CA ILE C 159 13.93 -3.28 2.10
C ILE C 159 13.60 -3.94 0.76
N LYS C 160 13.72 -3.17 -0.31
CA LYS C 160 13.47 -3.69 -1.65
C LYS C 160 14.43 -4.83 -2.00
N ASP C 161 15.68 -4.72 -1.54
CA ASP C 161 16.68 -5.74 -1.83
C ASP C 161 16.38 -7.04 -1.10
N LEU C 162 15.86 -6.92 0.12
CA LEU C 162 15.47 -8.09 0.91
C LEU C 162 14.32 -8.85 0.26
N THR C 163 13.34 -8.11 -0.27
CA THR C 163 12.12 -8.71 -0.80
C THR C 163 12.25 -9.10 -2.26
N ALA C 164 13.22 -8.51 -2.96
CA ALA C 164 13.42 -8.77 -4.38
C ALA C 164 13.78 -10.23 -4.64
N HIS C 165 14.34 -10.89 -3.64
CA HIS C 165 14.71 -12.31 -3.76
C HIS C 165 13.50 -13.18 -4.07
N PHE C 166 12.31 -12.70 -3.70
CA PHE C 166 11.09 -13.48 -3.86
C PHE C 166 10.26 -13.05 -5.06
N ARG C 167 10.84 -12.21 -5.92
CA ARG C 167 10.19 -11.84 -7.17
C ARG C 167 9.86 -13.09 -7.99
N GLY C 168 8.81 -13.00 -8.81
CA GLY C 168 8.33 -14.14 -9.57
C GLY C 168 9.38 -14.84 -10.41
N ASP C 169 10.27 -14.07 -11.00
CA ASP C 169 11.33 -14.63 -11.85
C ASP C 169 12.54 -15.11 -11.04
N ARG C 170 12.53 -14.85 -9.74
CA ARG C 170 13.68 -15.19 -8.90
C ARG C 170 13.31 -16.21 -7.83
N CYS C 171 12.02 -16.56 -7.77
CA CYS C 171 11.55 -17.60 -6.87
C CYS C 171 10.31 -18.22 -7.48
N LYS C 172 10.53 -19.08 -8.46
CA LYS C 172 9.47 -19.62 -9.30
C LYS C 172 8.50 -20.53 -8.55
N THR C 173 8.94 -21.06 -7.41
CA THR C 173 8.10 -21.97 -6.64
C THR C 173 7.11 -21.24 -5.73
N LEU C 174 7.23 -19.90 -5.66
CA LEU C 174 6.25 -19.08 -4.96
C LEU C 174 5.45 -18.23 -5.94
N LEU C 175 5.55 -18.57 -7.22
CA LEU C 175 4.80 -17.88 -8.26
C LEU C 175 3.29 -18.08 -8.08
N GLU C 176 2.54 -17.00 -8.26
CA GLU C 176 1.09 -16.97 -8.05
C GLU C 176 0.72 -17.29 -6.61
N LYS C 177 1.69 -17.18 -5.71
CA LYS C 177 1.46 -17.40 -4.29
C LYS C 177 1.72 -16.11 -3.53
N PRO C 178 0.94 -15.85 -2.47
CA PRO C 178 1.10 -14.59 -1.73
C PRO C 178 2.41 -14.55 -0.96
N LYS C 179 3.10 -13.42 -1.02
CA LYS C 179 4.34 -13.23 -0.28
C LYS C 179 4.15 -12.09 0.71
N LEU C 180 4.08 -12.43 1.99
CA LEU C 180 3.71 -11.46 3.02
C LEU C 180 4.92 -10.95 3.78
N PHE C 181 4.99 -9.63 3.93
CA PHE C 181 6.04 -9.01 4.71
C PHE C 181 5.47 -8.04 5.75
N PHE C 182 5.66 -8.38 7.02
CA PHE C 182 5.23 -7.52 8.11
C PHE C 182 6.44 -6.77 8.66
N ILE C 183 6.33 -5.44 8.73
CA ILE C 183 7.49 -4.62 9.04
C ILE C 183 7.27 -3.71 10.23
N GLN C 184 7.89 -4.04 11.35
CA GLN C 184 7.88 -3.16 12.51
C GLN C 184 9.19 -2.39 12.58
N ALA C 185 9.14 -1.13 12.17
CA ALA C 185 10.33 -0.29 12.06
C ALA C 185 9.94 1.14 11.71
N CYS C 186 10.77 2.09 12.10
CA CYS C 186 10.54 3.49 11.76
C CYS C 186 10.81 3.69 10.27
N ARG C 187 10.14 4.68 9.68
CA ARG C 187 10.29 4.98 8.27
C ARG C 187 10.63 6.45 8.09
N GLY C 188 11.24 7.03 9.12
CA GLY C 188 11.49 8.46 9.17
C GLY C 188 11.36 8.97 10.60
N THR C 189 11.35 10.29 10.77
CA THR C 189 11.39 10.87 12.10
C THR C 189 10.14 11.67 12.45
N GLU C 190 9.26 11.87 11.46
CA GLU C 190 8.01 12.60 11.70
C GLU C 190 7.14 11.89 12.73
N LEU C 191 6.34 12.68 13.44
CA LEU C 191 5.40 12.14 14.42
C LEU C 191 3.99 12.63 14.13
N ASP C 192 3.00 11.85 14.53
CA ASP C 192 1.61 12.19 14.25
C ASP C 192 0.96 12.73 15.53
N ASP C 193 0.70 14.03 15.53
CA ASP C 193 0.16 14.71 16.71
C ASP C 193 -1.30 14.36 16.96
N GLY C 194 -1.99 13.89 15.92
CA GLY C 194 -3.40 13.57 16.02
C GLY C 194 -4.30 14.78 15.97
N ILE C 195 -5.60 14.57 16.18
CA ILE C 195 -6.58 15.64 16.09
C ILE C 195 -7.90 15.24 16.75
N GLN C 196 -8.58 16.22 17.34
CA GLN C 196 -9.94 16.08 17.89
C GLN C 196 -9.97 15.17 19.12
N TYR D 13 -0.11 -15.66 -20.77
CA TYR D 13 0.33 -16.71 -19.86
C TYR D 13 1.32 -16.21 -18.81
N LYS D 14 1.83 -15.00 -19.00
CA LYS D 14 2.84 -14.46 -18.09
C LYS D 14 2.23 -13.72 -16.91
N ILE D 15 3.02 -13.62 -15.85
CA ILE D 15 2.62 -12.97 -14.61
C ILE D 15 3.71 -11.99 -14.20
N PRO D 16 3.33 -10.78 -13.76
CA PRO D 16 4.33 -9.78 -13.36
C PRO D 16 5.19 -10.28 -12.20
N VAL D 17 6.48 -10.01 -12.27
CA VAL D 17 7.43 -10.48 -11.27
C VAL D 17 7.21 -9.81 -9.91
N GLU D 18 6.57 -8.65 -9.93
CA GLU D 18 6.33 -7.89 -8.71
C GLU D 18 4.96 -8.20 -8.10
N ALA D 19 4.19 -9.04 -8.80
CA ALA D 19 2.84 -9.38 -8.36
C ALA D 19 2.84 -10.28 -7.13
N ASP D 20 1.69 -10.32 -6.46
CA ASP D 20 1.44 -11.20 -5.31
C ASP D 20 2.32 -10.90 -4.10
N PHE D 21 2.74 -9.64 -3.97
CA PHE D 21 3.38 -9.18 -2.75
C PHE D 21 2.39 -8.42 -1.87
N LEU D 22 2.56 -8.53 -0.56
CA LEU D 22 1.85 -7.66 0.38
C LEU D 22 2.81 -7.17 1.46
N PHE D 23 2.81 -5.86 1.68
CA PHE D 23 3.62 -5.26 2.72
C PHE D 23 2.77 -4.64 3.81
N ALA D 24 2.89 -5.16 5.02
CA ALA D 24 2.19 -4.59 6.17
C ALA D 24 3.16 -3.79 7.02
N TYR D 25 3.30 -2.51 6.70
CA TYR D 25 4.17 -1.63 7.47
C TYR D 25 3.50 -1.20 8.77
N SER D 26 4.31 -1.01 9.81
CA SER D 26 3.80 -0.58 11.10
C SER D 26 3.37 0.88 11.07
N THR D 27 3.88 1.62 10.09
CA THR D 27 3.61 3.05 9.98
C THR D 27 3.73 3.53 8.54
N VAL D 28 3.43 4.80 8.32
CA VAL D 28 3.46 5.38 6.98
C VAL D 28 4.84 5.95 6.68
N PRO D 29 5.17 6.12 5.39
CA PRO D 29 6.49 6.66 5.02
C PRO D 29 6.78 8.03 5.64
N GLY D 30 8.01 8.20 6.12
CA GLY D 30 8.44 9.47 6.68
C GLY D 30 8.20 9.57 8.18
N TYR D 31 7.47 8.61 8.73
CA TYR D 31 7.06 8.67 10.13
C TYR D 31 7.76 7.62 10.98
N ALA D 32 7.78 7.86 12.30
CA ALA D 32 8.36 6.93 13.25
C ALA D 32 7.36 5.84 13.60
N SER D 33 7.81 4.85 14.37
CA SER D 33 6.95 3.78 14.82
C SER D 33 7.13 3.56 16.32
N MET D 34 6.03 3.42 17.04
CA MET D 34 6.07 3.40 18.49
C MET D 34 6.27 2.00 19.05
N ARG D 35 7.13 1.90 20.05
CA ARG D 35 7.40 0.64 20.73
C ARG D 35 7.33 0.81 22.25
N ASN D 36 6.52 -0.02 22.89
CA ASN D 36 6.43 -0.02 24.35
C ASN D 36 7.38 -1.06 24.93
N PRO D 37 8.35 -0.62 25.73
CA PRO D 37 9.39 -1.50 26.27
C PRO D 37 8.84 -2.61 27.15
N GLY D 38 7.67 -2.37 27.75
CA GLY D 38 7.05 -3.34 28.63
C GLY D 38 6.04 -4.24 27.95
N ARG D 39 5.45 -3.76 26.86
CA ARG D 39 4.37 -4.47 26.19
C ARG D 39 4.70 -4.83 24.74
N GLY D 40 5.74 -4.22 24.19
CA GLY D 40 6.10 -4.46 22.81
C GLY D 40 5.59 -3.33 21.93
N SER D 41 5.94 -3.36 20.65
CA SER D 41 5.48 -2.33 19.71
C SER D 41 3.97 -2.38 19.54
N TRP D 42 3.39 -1.21 19.22
CA TRP D 42 1.95 -1.08 19.05
C TRP D 42 1.42 -1.98 17.94
N PHE D 43 2.05 -1.89 16.77
CA PHE D 43 1.63 -2.62 15.59
C PHE D 43 1.60 -4.13 15.80
N VAL D 44 2.63 -4.67 16.44
CA VAL D 44 2.71 -6.11 16.69
C VAL D 44 1.66 -6.54 17.72
N GLN D 45 1.51 -5.75 18.78
CA GLN D 45 0.46 -6.00 19.78
C GLN D 45 -0.90 -6.14 19.13
N ALA D 46 -1.25 -5.17 18.29
CA ALA D 46 -2.54 -5.15 17.61
C ALA D 46 -2.67 -6.29 16.62
N LEU D 47 -1.61 -6.51 15.84
CA LEU D 47 -1.60 -7.58 14.84
C LEU D 47 -1.87 -8.94 15.46
N CYS D 48 -1.15 -9.23 16.55
CA CYS D 48 -1.28 -10.53 17.21
C CYS D 48 -2.65 -10.71 17.84
N SER D 49 -3.14 -9.66 18.51
CA SER D 49 -4.43 -9.71 19.18
C SER D 49 -5.57 -10.05 18.21
N ILE D 50 -5.55 -9.40 17.05
CA ILE D 50 -6.57 -9.61 16.03
C ILE D 50 -6.41 -10.96 15.34
N LEU D 51 -5.17 -11.36 15.08
CA LEU D 51 -4.89 -12.67 14.49
C LEU D 51 -5.35 -13.80 15.41
N GLU D 52 -5.08 -13.66 16.71
CA GLU D 52 -5.53 -14.63 17.70
C GLU D 52 -7.05 -14.81 17.65
N GLU D 53 -7.74 -13.70 17.39
CA GLU D 53 -9.20 -13.68 17.41
C GLU D 53 -9.85 -13.92 16.04
N HIS D 54 -9.13 -13.63 14.95
CA HIS D 54 -9.76 -13.68 13.62
C HIS D 54 -8.85 -14.17 12.49
N GLY D 55 -7.67 -14.66 12.87
CA GLY D 55 -6.71 -15.19 11.91
C GLY D 55 -7.27 -16.27 11.00
N LYS D 56 -8.21 -17.06 11.51
CA LYS D 56 -8.74 -18.21 10.79
C LYS D 56 -9.98 -17.90 9.95
N ASP D 57 -10.72 -16.86 10.33
CA ASP D 57 -12.01 -16.59 9.70
C ASP D 57 -12.10 -15.32 8.85
N LEU D 58 -11.10 -14.45 8.94
CA LEU D 58 -11.13 -13.20 8.18
C LEU D 58 -10.09 -13.15 7.06
N GLU D 59 -10.44 -12.43 5.99
CA GLU D 59 -9.54 -12.20 4.86
C GLU D 59 -8.43 -11.26 5.31
N ILE D 60 -7.25 -11.39 4.71
CA ILE D 60 -6.05 -10.69 5.17
C ILE D 60 -6.20 -9.17 5.22
N MET D 61 -6.92 -8.59 4.27
CA MET D 61 -7.13 -7.14 4.26
C MET D 61 -8.10 -6.72 5.36
N GLN D 62 -9.10 -7.55 5.64
CA GLN D 62 -10.01 -7.29 6.74
C GLN D 62 -9.25 -7.26 8.06
N ILE D 63 -8.31 -8.19 8.21
CA ILE D 63 -7.49 -8.28 9.41
C ILE D 63 -6.65 -7.03 9.59
N LEU D 64 -5.92 -6.65 8.53
CA LEU D 64 -4.99 -5.53 8.61
C LEU D 64 -5.72 -4.20 8.72
N THR D 65 -6.92 -4.13 8.18
CA THR D 65 -7.75 -2.94 8.31
C THR D 65 -8.15 -2.74 9.77
N ARG D 66 -8.53 -3.83 10.42
CA ARG D 66 -8.86 -3.80 11.84
C ARG D 66 -7.62 -3.49 12.68
N VAL D 67 -6.47 -3.96 12.22
CA VAL D 67 -5.19 -3.64 12.87
C VAL D 67 -4.94 -2.14 12.79
N ASN D 68 -5.18 -1.58 11.61
CA ASN D 68 -5.08 -0.15 11.40
C ASN D 68 -5.94 0.63 12.40
N ASP D 69 -7.20 0.22 12.52
CA ASP D 69 -8.15 0.84 13.45
C ASP D 69 -7.69 0.74 14.91
N ARG D 70 -7.24 -0.44 15.30
CA ARG D 70 -6.81 -0.70 16.67
C ARG D 70 -5.63 0.18 17.08
N VAL D 71 -4.64 0.27 16.20
CA VAL D 71 -3.45 1.10 16.46
C VAL D 71 -3.84 2.57 16.53
N ALA D 72 -4.77 2.95 15.65
CA ALA D 72 -5.18 4.35 15.53
C ALA D 72 -6.01 4.83 16.72
N ARG D 73 -6.85 3.95 17.27
CA ARG D 73 -7.77 4.36 18.32
C ARG D 73 -7.21 4.06 19.72
N HIS D 74 -6.81 2.81 19.94
CA HIS D 74 -6.42 2.33 21.26
C HIS D 74 -5.08 2.86 21.78
N PHE D 75 -4.29 3.47 20.92
CA PHE D 75 -2.93 3.84 21.31
C PHE D 75 -2.64 5.34 21.27
N GLU D 76 -1.90 5.81 22.27
CA GLU D 76 -1.41 7.17 22.32
C GLU D 76 -0.16 7.20 23.20
N SER D 77 0.91 7.81 22.69
CA SER D 77 2.21 7.71 23.33
C SER D 77 2.34 8.52 24.62
N GLN D 78 3.06 7.96 25.59
CA GLN D 78 3.42 8.69 26.80
C GLN D 78 4.94 8.73 26.98
N SER D 79 5.43 9.89 27.39
CA SER D 79 6.86 10.13 27.53
C SER D 79 7.11 11.40 28.33
N ASP D 80 8.16 11.41 29.14
CA ASP D 80 8.54 12.62 29.87
C ASP D 80 9.01 13.67 28.88
N ASP D 81 9.71 13.23 27.84
CA ASP D 81 10.05 14.10 26.72
C ASP D 81 8.76 14.48 26.00
N PRO D 82 8.44 15.78 25.99
CA PRO D 82 7.21 16.30 25.35
C PRO D 82 7.19 16.06 23.84
N HIS D 83 8.36 15.98 23.23
CA HIS D 83 8.47 15.71 21.80
C HIS D 83 7.82 14.41 21.37
N PHE D 84 7.83 13.42 22.25
CA PHE D 84 7.24 12.12 21.95
C PHE D 84 5.98 11.87 22.77
N HIS D 85 5.42 12.93 23.33
CA HIS D 85 4.27 12.80 24.22
C HIS D 85 2.93 12.95 23.49
N GLU D 86 2.00 12.06 23.80
CA GLU D 86 0.65 12.09 23.26
C GLU D 86 0.62 12.07 21.73
N LYS D 87 1.49 11.26 21.14
CA LYS D 87 1.54 11.11 19.70
C LYS D 87 0.69 9.93 19.23
N LYS D 88 0.32 9.93 17.95
CA LYS D 88 -0.55 8.90 17.40
C LYS D 88 0.15 8.15 16.28
N GLN D 89 -0.47 7.06 15.82
CA GLN D 89 0.14 6.25 14.77
C GLN D 89 -0.90 5.53 13.91
N ILE D 90 -0.62 5.48 12.61
CA ILE D 90 -1.44 4.70 11.68
C ILE D 90 -0.52 3.82 10.81
N PRO D 91 -0.81 2.51 10.75
CA PRO D 91 0.01 1.62 9.92
C PRO D 91 -0.26 1.80 8.43
N CYS D 92 0.38 0.99 7.60
CA CYS D 92 0.37 1.21 6.16
C CYS D 92 0.44 -0.11 5.39
N VAL D 93 -0.67 -0.49 4.77
CA VAL D 93 -0.73 -1.73 4.01
C VAL D 93 -0.53 -1.49 2.52
N VAL D 94 0.44 -2.18 1.95
CA VAL D 94 0.69 -2.12 0.52
C VAL D 94 0.41 -3.47 -0.13
N SER D 95 -0.59 -3.53 -0.99
CA SER D 95 -1.03 -4.80 -1.56
C SER D 95 -0.83 -4.89 -3.07
N MET D 96 -0.07 -5.89 -3.49
CA MET D 96 0.02 -6.24 -4.90
C MET D 96 -0.61 -7.62 -5.13
N LEU D 97 -1.43 -8.04 -4.18
CA LEU D 97 -2.11 -9.33 -4.27
C LEU D 97 -3.11 -9.34 -5.41
N THR D 98 -3.34 -10.53 -5.98
CA THR D 98 -4.26 -10.67 -7.09
C THR D 98 -5.50 -11.46 -6.69
N LYS D 99 -5.49 -11.98 -5.46
CA LYS D 99 -6.62 -12.75 -4.95
C LYS D 99 -6.88 -12.41 -3.49
N GLU D 100 -8.02 -12.87 -2.97
CA GLU D 100 -8.29 -12.79 -1.53
C GLU D 100 -7.52 -13.86 -0.79
N LEU D 101 -7.07 -13.55 0.42
CA LEU D 101 -6.26 -14.50 1.17
C LEU D 101 -6.88 -14.89 2.51
N TYR D 102 -7.22 -16.17 2.64
CA TYR D 102 -7.69 -16.74 3.90
C TYR D 102 -6.68 -17.80 4.35
N PHE D 103 -6.35 -17.80 5.64
CA PHE D 103 -5.35 -18.74 6.15
C PHE D 103 -5.92 -20.11 6.49
N SER D 104 -7.17 -20.37 6.11
CA SER D 104 -7.74 -21.67 6.46
C SER D 104 -8.53 -22.35 5.34
N GLN D 105 -8.90 -23.61 5.62
CA GLN D 105 -9.79 -24.45 4.82
C GLN D 105 -9.35 -24.53 3.35
C ACE E 1 0.80 0.82 -28.58
O ACE E 1 -0.38 0.80 -28.26
CH3 ACE E 1 1.25 0.76 -30.00
N ASP E 2 1.77 0.69 -27.67
CA ASP E 2 1.53 0.75 -26.24
C ASP E 2 2.51 1.70 -25.58
N GLU E 3 2.02 2.90 -25.25
CA GLU E 3 2.86 3.94 -24.67
C GLU E 3 2.93 3.83 -23.15
N VAL E 4 3.83 4.60 -22.54
CA VAL E 4 3.98 4.60 -21.10
C VAL E 4 3.75 5.99 -20.52
C ASJ E 5 4.23 7.60 -17.67
N ASJ E 5 3.34 6.05 -19.27
O ASJ E 5 4.34 8.72 -17.20
CA ASJ E 5 3.10 7.29 -18.61
CB ASJ E 5 1.80 7.20 -17.83
CG ASJ E 5 0.63 7.41 -18.76
OD1 ASJ E 5 -0.50 6.91 -18.49
OD2 ASJ E 5 0.77 8.08 -19.82
C ACE F 1 7.75 5.16 27.20
O ACE F 1 7.40 5.59 28.31
CH3 ACE F 1 8.89 4.19 27.10
N ASP F 2 7.01 5.39 26.12
CA ASP F 2 7.17 4.76 24.81
C ASP F 2 8.40 5.24 24.05
N GLU F 3 8.97 4.36 23.24
CA GLU F 3 10.15 4.68 22.45
C GLU F 3 9.84 4.51 20.96
N VAL F 4 10.75 4.97 20.11
CA VAL F 4 10.53 4.90 18.66
C VAL F 4 11.56 4.02 17.97
C ASJ F 5 12.53 3.33 14.89
N ASJ F 5 11.15 3.41 16.86
O ASJ F 5 13.25 2.78 14.09
CA ASJ F 5 12.01 2.57 16.09
CB ASJ F 5 11.22 1.36 15.63
CG ASJ F 5 11.30 0.28 16.68
OD1 ASJ F 5 10.46 -0.67 16.66
OD2 ASJ F 5 12.20 0.30 17.56
#